data_7B8F
#
_entry.id   7B8F
#
_cell.length_a   59.817
_cell.length_b   72.946
_cell.length_c   78.566
_cell.angle_alpha   90.000
_cell.angle_beta   90.000
_cell.angle_gamma   90.000
#
_symmetry.space_group_name_H-M   'P 21 21 21'
#
loop_
_entity.id
_entity.type
_entity.pdbx_description
1 polymer 'Palmitoleoyl-protein carboxylesterase NOTUM'
2 non-polymer 'SULFATE ION'
3 non-polymer 2-acetamido-2-deoxy-beta-D-glucopyranose
4 non-polymer 1,2-ETHANEDIOL
5 non-polymer 4-(benzimidazol-1-ylmethyl)benzenecarbonitrile
6 water water
#
_entity_poly.entity_id   1
_entity_poly.type   'polypeptide(L)'
_entity_poly.pdbx_seq_one_letter_code
;ETGSAQQLNEDLRLHLLLNTSVTCNDGSPAGYYLKESRGSRRWLLFLEGGWYCFNRENCDSRYDTMRRLMSSRDWPRTRT
GTGILSSQPEENPYWWNANMVFIPYCSSDVWSGASSKSEKNEYAFMGALIIQEVVRELLGRGLSGAKVLLLAGSSAGGTG
VLLNVDRVAEQLEKLGYPAIQVRGLADSGWFLDNKQYRHTDCVDTITCAPTEAIRRGIRYWNGVVPERCRRQFQEGEEWN
CFFGYKVYPTLRSPVFVVQWLFDEAQLTVDNVHLTGQPVQEGLRLYIQNLGRELRHTLKDVPASFAPACLSHEIIIRSHW
TDVQVKGTSLPRALHCWDRSLHDSHKASKTPLKGCPVHLVDSCPWPHCNPSCPTGTKHHHHHH
;
_entity_poly.pdbx_strand_id   A
#
loop_
_chem_comp.id
_chem_comp.type
_chem_comp.name
_chem_comp.formula
EDO non-polymer 1,2-ETHANEDIOL 'C2 H6 O2'
NAG D-saccharide, beta linking 2-acetamido-2-deoxy-beta-D-glucopyranose 'C8 H15 N O6'
RYM non-polymer 4-(benzimidazol-1-ylmethyl)benzenecarbonitrile 'C15 H11 N3'
SO4 non-polymer 'SULFATE ION' 'O4 S -2'
#
# COMPACT_ATOMS: atom_id res chain seq x y z
N ASP A 11 17.54 -3.83 -13.09
CA ASP A 11 16.63 -2.77 -13.54
C ASP A 11 15.31 -3.34 -14.05
N LEU A 12 14.21 -2.67 -13.72
CA LEU A 12 12.90 -2.97 -14.28
C LEU A 12 12.64 -2.00 -15.43
N ARG A 13 12.06 -2.52 -16.52
CA ARG A 13 11.85 -1.78 -17.77
C ARG A 13 10.42 -1.31 -17.91
N LEU A 14 10.24 -0.03 -18.27
CA LEU A 14 8.93 0.60 -18.43
C LEU A 14 8.14 0.05 -19.62
N HIS A 15 6.85 -0.23 -19.39
CA HIS A 15 5.89 -0.50 -20.45
C HIS A 15 4.69 0.41 -20.22
N LEU A 16 4.32 1.21 -21.22
CA LEU A 16 3.07 1.97 -21.14
C LEU A 16 1.90 1.09 -21.55
N LEU A 17 0.73 1.34 -20.95
CA LEU A 17 -0.41 0.48 -21.18
C LEU A 17 -0.86 0.54 -22.64
N LEU A 18 -1.13 -0.64 -23.21
CA LEU A 18 -1.60 -0.73 -24.59
C LEU A 18 -2.99 -0.13 -24.74
N ASN A 19 -3.83 -0.28 -23.70
CA ASN A 19 -5.12 0.39 -23.66
C ASN A 19 -4.90 1.83 -23.21
N THR A 20 -4.87 2.75 -24.17
CA THR A 20 -4.55 4.14 -23.86
C THR A 20 -5.73 4.92 -23.28
N SER A 21 -6.89 4.29 -23.06
CA SER A 21 -7.99 4.90 -22.33
CA SER A 21 -7.97 4.94 -22.32
C SER A 21 -7.82 4.78 -20.82
N VAL A 22 -6.83 4.03 -20.35
CA VAL A 22 -6.52 3.90 -18.93
C VAL A 22 -5.35 4.84 -18.66
N THR A 23 -5.60 5.96 -17.99
CA THR A 23 -4.67 7.07 -18.01
C THR A 23 -4.34 7.54 -16.59
N CYS A 24 -3.20 8.22 -16.49
CA CYS A 24 -2.82 9.06 -15.36
C CYS A 24 -3.74 10.29 -15.27
N ASN A 25 -3.52 11.16 -14.28
CA ASN A 25 -4.41 12.30 -14.04
C ASN A 25 -4.59 13.18 -15.28
N ASP A 26 -3.51 13.44 -16.01
CA ASP A 26 -3.58 14.42 -17.11
C ASP A 26 -3.92 13.78 -18.45
N GLY A 27 -4.29 12.51 -18.49
CA GLY A 27 -4.64 11.84 -19.73
C GLY A 27 -3.51 11.12 -20.44
N SER A 28 -2.29 11.22 -19.96
CA SER A 28 -1.20 10.44 -20.51
C SER A 28 -1.36 8.97 -20.08
N PRO A 29 -0.81 8.03 -20.85
CA PRO A 29 -1.01 6.61 -20.52
C PRO A 29 -0.37 6.27 -19.18
N ALA A 30 -1.06 5.43 -18.40
CA ALA A 30 -0.45 4.79 -17.25
C ALA A 30 0.46 3.65 -17.74
N GLY A 31 1.06 2.92 -16.79
CA GLY A 31 1.97 1.85 -17.17
C GLY A 31 2.54 1.13 -15.97
N TYR A 32 3.58 0.32 -16.22
CA TYR A 32 4.26 -0.47 -15.19
C TYR A 32 5.71 -0.72 -15.61
N TYR A 33 6.56 -0.99 -14.62
CA TYR A 33 7.96 -1.40 -14.82
C TYR A 33 8.07 -2.88 -14.48
N LEU A 34 8.74 -3.66 -15.34
CA LEU A 34 8.78 -5.11 -15.23
C LEU A 34 10.19 -5.66 -15.35
N LYS A 35 10.52 -6.64 -14.49
CA LYS A 35 11.69 -7.48 -14.68
C LYS A 35 11.25 -8.93 -14.50
N GLU A 36 11.32 -9.72 -15.57
CA GLU A 36 10.88 -11.11 -15.53
C GLU A 36 11.96 -12.02 -14.95
N SER A 37 11.51 -13.12 -14.36
CA SER A 37 12.36 -14.19 -13.82
C SER A 37 11.75 -15.50 -14.31
N ARG A 38 12.21 -15.99 -15.45
CA ARG A 38 11.41 -17.02 -16.10
C ARG A 38 11.57 -18.39 -15.43
N GLY A 39 12.42 -18.52 -14.42
CA GLY A 39 12.43 -19.71 -13.61
C GLY A 39 11.58 -19.63 -12.35
N SER A 40 10.64 -18.68 -12.29
CA SER A 40 9.83 -18.49 -11.09
C SER A 40 8.36 -18.36 -11.43
N ARG A 41 7.50 -18.90 -10.56
CA ARG A 41 6.06 -18.73 -10.72
C ARG A 41 5.48 -17.77 -9.69
N ARG A 42 6.31 -16.99 -9.00
CA ARG A 42 5.86 -15.95 -8.08
C ARG A 42 5.94 -14.58 -8.75
N TRP A 43 4.91 -13.74 -8.52
CA TRP A 43 4.79 -12.41 -9.11
C TRP A 43 4.49 -11.40 -8.01
N LEU A 44 5.29 -10.33 -7.96
CA LEU A 44 5.15 -9.27 -6.96
C LEU A 44 4.78 -7.99 -7.70
N LEU A 45 3.58 -7.46 -7.41
CA LEU A 45 3.09 -6.21 -8.02
C LEU A 45 3.00 -5.17 -6.92
N PHE A 46 3.86 -4.15 -6.98
CA PHE A 46 4.02 -3.16 -5.92
C PHE A 46 3.39 -1.83 -6.33
N LEU A 47 2.56 -1.27 -5.43
CA LEU A 47 1.86 0.00 -5.65
C LEU A 47 2.62 1.13 -4.95
N GLU A 48 3.10 2.11 -5.71
CA GLU A 48 3.72 3.31 -5.15
C GLU A 48 2.70 4.14 -4.36
N GLY A 49 3.18 4.89 -3.36
CA GLY A 49 2.37 5.83 -2.62
C GLY A 49 2.72 7.28 -2.90
N GLY A 50 2.13 8.18 -2.09
CA GLY A 50 2.44 9.61 -2.22
C GLY A 50 1.26 10.54 -2.00
N TRP A 51 0.58 10.41 -0.85
CA TRP A 51 -0.62 11.18 -0.51
C TRP A 51 -1.66 11.14 -1.62
N TYR A 52 -2.32 12.27 -1.93
CA TYR A 52 -3.46 12.34 -2.84
C TYR A 52 -3.88 13.80 -2.99
N CYS A 53 -4.87 14.05 -3.86
CA CYS A 53 -5.44 15.40 -3.95
C CYS A 53 -6.96 15.28 -4.13
N PHE A 54 -7.72 16.23 -3.56
CA PHE A 54 -9.16 15.99 -3.47
C PHE A 54 -10.05 17.12 -4.01
N ASN A 55 -9.50 18.15 -4.64
CA ASN A 55 -10.30 19.14 -5.37
C ASN A 55 -9.45 19.77 -6.47
N ARG A 56 -10.08 20.65 -7.26
CA ARG A 56 -9.38 21.22 -8.42
C ARG A 56 -8.16 22.02 -8.00
N GLU A 57 -8.31 22.92 -7.03
CA GLU A 57 -7.21 23.79 -6.63
C GLU A 57 -6.05 22.98 -6.03
N ASN A 58 -6.36 21.99 -5.20
CA ASN A 58 -5.31 21.15 -4.59
C ASN A 58 -4.63 20.26 -5.64
N CYS A 59 -5.38 19.75 -6.61
CA CYS A 59 -4.78 18.94 -7.67
C CYS A 59 -3.95 19.80 -8.64
N ASP A 60 -4.39 21.03 -8.92
CA ASP A 60 -3.58 21.95 -9.73
C ASP A 60 -2.21 22.21 -9.09
N SER A 61 -2.17 22.39 -7.77
N SER A 61 -2.15 22.40 -7.77
CA SER A 61 -0.90 22.61 -7.07
CA SER A 61 -0.88 22.62 -7.10
C SER A 61 0.01 21.40 -7.22
C SER A 61 0.02 21.40 -7.23
N ARG A 62 -0.54 20.20 -7.01
CA ARG A 62 0.23 18.97 -7.18
C ARG A 62 0.79 18.85 -8.59
N TYR A 63 0.04 19.31 -9.59
CA TYR A 63 0.50 19.20 -10.98
C TYR A 63 1.71 20.09 -11.24
N ASP A 64 1.87 21.15 -10.45
CA ASP A 64 3.00 22.05 -10.64
C ASP A 64 4.30 21.50 -10.08
N THR A 65 4.25 20.84 -8.91
CA THR A 65 5.48 20.47 -8.23
C THR A 65 5.57 19.00 -7.85
N MET A 66 4.60 18.17 -8.25
CA MET A 66 4.65 16.71 -8.06
C MET A 66 4.12 16.01 -9.31
N ARG A 67 4.59 16.46 -10.49
CA ARG A 67 3.93 16.07 -11.73
C ARG A 67 4.17 14.60 -12.09
N ARG A 68 5.26 13.99 -11.61
CA ARG A 68 5.47 12.58 -11.90
C ARG A 68 4.41 11.70 -11.23
N LEU A 69 3.73 12.20 -10.20
CA LEU A 69 2.61 11.53 -9.56
C LEU A 69 1.27 11.87 -10.23
N MET A 70 1.30 12.51 -11.41
CA MET A 70 0.10 12.90 -12.13
C MET A 70 0.19 12.68 -13.63
N SER A 71 1.32 12.17 -14.14
CA SER A 71 1.62 12.15 -15.57
C SER A 71 2.75 11.16 -15.84
N SER A 72 2.71 10.52 -17.02
CA SER A 72 3.81 9.65 -17.45
C SER A 72 4.75 10.34 -18.44
N ARG A 73 4.55 11.63 -18.71
CA ARG A 73 5.29 12.23 -19.83
C ARG A 73 6.78 12.34 -19.54
N ASP A 74 7.19 12.38 -18.26
CA ASP A 74 8.59 12.54 -17.89
C ASP A 74 9.17 11.30 -17.21
N TRP A 75 8.51 10.14 -17.32
CA TRP A 75 8.98 8.96 -16.59
C TRP A 75 10.24 8.38 -17.25
N PRO A 76 11.18 7.88 -16.46
CA PRO A 76 12.35 7.23 -17.04
C PRO A 76 12.00 5.86 -17.61
N ARG A 77 12.83 5.38 -18.54
CA ARG A 77 12.58 4.07 -19.14
C ARG A 77 12.99 2.91 -18.25
N THR A 78 13.78 3.15 -17.22
CA THR A 78 14.13 2.06 -16.30
C THR A 78 13.99 2.57 -14.88
N ARG A 79 14.05 1.61 -13.95
CA ARG A 79 14.03 1.88 -12.52
C ARG A 79 14.73 0.74 -11.80
N THR A 80 15.53 1.08 -10.79
CA THR A 80 16.25 0.06 -10.02
C THR A 80 15.34 -0.57 -8.98
N GLY A 81 15.33 -1.90 -8.93
CA GLY A 81 14.60 -2.62 -7.90
C GLY A 81 15.35 -2.60 -6.59
N THR A 82 14.69 -2.16 -5.52
CA THR A 82 15.29 -2.05 -4.20
C THR A 82 14.40 -2.73 -3.17
N GLY A 83 15.02 -3.15 -2.06
CA GLY A 83 14.27 -3.83 -1.01
C GLY A 83 13.66 -5.13 -1.50
N ILE A 84 12.34 -5.27 -1.28
CA ILE A 84 11.60 -6.45 -1.72
C ILE A 84 11.53 -6.57 -3.24
N LEU A 85 11.83 -5.50 -3.97
CA LEU A 85 11.93 -5.54 -5.43
C LEU A 85 13.34 -5.81 -5.94
N SER A 86 14.32 -6.02 -5.06
CA SER A 86 15.68 -6.36 -5.48
C SER A 86 15.80 -7.83 -5.84
N SER A 87 16.62 -8.12 -6.86
CA SER A 87 16.85 -9.47 -7.32
C SER A 87 18.08 -10.12 -6.70
N GLN A 88 18.74 -9.45 -5.75
CA GLN A 88 19.94 -9.97 -5.08
C GLN A 88 19.57 -10.60 -3.74
N PRO A 89 20.00 -11.84 -3.47
CA PRO A 89 19.63 -12.48 -2.19
C PRO A 89 20.11 -11.71 -0.97
N GLU A 90 21.25 -11.03 -1.09
CA GLU A 90 21.78 -10.26 0.03
C GLU A 90 20.83 -9.14 0.44
N GLU A 91 20.21 -8.48 -0.56
CA GLU A 91 19.29 -7.38 -0.28
C GLU A 91 17.86 -7.86 -0.01
N ASN A 92 17.47 -9.01 -0.58
CA ASN A 92 16.09 -9.50 -0.54
C ASN A 92 16.08 -10.99 -0.21
N PRO A 93 16.24 -11.34 1.07
CA PRO A 93 16.18 -12.77 1.46
C PRO A 93 14.85 -13.43 1.17
N TYR A 94 13.77 -12.66 1.03
CA TYR A 94 12.42 -13.23 0.93
C TYR A 94 12.11 -13.75 -0.48
N TRP A 95 12.08 -12.86 -1.48
CA TRP A 95 11.55 -13.17 -2.81
C TRP A 95 12.49 -12.72 -3.93
N TRP A 96 13.81 -12.94 -3.78
CA TRP A 96 14.77 -12.37 -4.73
C TRP A 96 14.63 -12.95 -6.14
N ASN A 97 14.08 -14.16 -6.28
CA ASN A 97 13.95 -14.80 -7.59
C ASN A 97 12.57 -14.56 -8.23
N ALA A 98 11.73 -13.69 -7.67
CA ALA A 98 10.39 -13.49 -8.21
C ALA A 98 10.41 -12.58 -9.43
N ASN A 99 9.31 -12.65 -10.21
CA ASN A 99 9.00 -11.65 -11.23
C ASN A 99 8.59 -10.35 -10.53
N MET A 100 9.20 -9.23 -10.94
CA MET A 100 9.10 -7.96 -10.20
C MET A 100 8.36 -6.92 -11.04
N VAL A 101 7.33 -6.29 -10.45
CA VAL A 101 6.56 -5.24 -11.12
C VAL A 101 6.41 -4.05 -10.17
N PHE A 102 6.73 -2.86 -10.66
CA PHE A 102 6.52 -1.57 -9.97
C PHE A 102 5.49 -0.77 -10.74
N ILE A 103 4.34 -0.47 -10.10
CA ILE A 103 3.28 0.27 -10.75
C ILE A 103 3.32 1.71 -10.24
N PRO A 104 3.74 2.68 -11.05
CA PRO A 104 3.79 4.07 -10.58
C PRO A 104 2.41 4.61 -10.22
N TYR A 105 2.37 5.47 -9.21
CA TYR A 105 1.14 6.08 -8.69
C TYR A 105 0.97 7.42 -9.41
N CYS A 106 0.09 7.45 -10.40
CA CYS A 106 -0.15 8.70 -11.15
C CYS A 106 -1.64 9.05 -11.19
N SER A 107 -2.42 8.58 -10.21
CA SER A 107 -3.86 8.85 -10.18
C SER A 107 -4.33 9.64 -8.96
N SER A 108 -3.48 9.85 -7.95
CA SER A 108 -3.74 10.77 -6.83
C SER A 108 -5.04 10.44 -6.09
N ASP A 109 -5.46 9.17 -6.07
CA ASP A 109 -6.78 8.78 -5.57
C ASP A 109 -6.70 7.59 -4.60
N VAL A 110 -5.54 7.36 -3.98
CA VAL A 110 -5.32 6.18 -3.13
C VAL A 110 -5.73 4.90 -3.86
N TRP A 111 -5.53 4.87 -5.17
CA TRP A 111 -5.79 3.69 -6.01
C TRP A 111 -7.26 3.28 -6.03
N SER A 112 -8.18 4.24 -5.86
CA SER A 112 -9.60 3.94 -5.74
C SER A 112 -10.45 4.42 -6.91
N GLY A 113 -9.88 5.22 -7.81
CA GLY A 113 -10.72 5.96 -8.75
C GLY A 113 -11.13 5.15 -9.96
N ALA A 114 -12.25 5.57 -10.55
CA ALA A 114 -12.75 4.99 -11.78
C ALA A 114 -13.51 6.05 -12.59
N SER A 115 -12.80 7.13 -12.91
N SER A 115 -12.85 7.18 -12.87
CA SER A 115 -13.38 8.29 -13.60
CA SER A 115 -13.48 8.23 -13.66
C SER A 115 -12.41 8.81 -14.66
C SER A 115 -12.47 8.82 -14.64
N SER A 116 -12.90 8.98 -15.89
CA SER A 116 -12.07 9.46 -16.98
C SER A 116 -12.09 10.98 -17.07
N LYS A 117 -11.04 11.53 -17.68
CA LYS A 117 -11.05 12.94 -18.05
C LYS A 117 -12.10 13.16 -19.14
N SER A 118 -12.80 14.29 -19.06
CA SER A 118 -13.91 14.57 -19.96
C SER A 118 -14.18 16.07 -19.95
N GLU A 119 -15.23 16.48 -20.66
CA GLU A 119 -15.56 17.90 -20.68
C GLU A 119 -15.99 18.41 -19.31
N LYS A 120 -16.40 17.51 -18.41
CA LYS A 120 -16.83 17.85 -17.06
C LYS A 120 -15.76 17.57 -16.01
N ASN A 121 -14.66 16.91 -16.37
CA ASN A 121 -13.59 16.56 -15.44
C ASN A 121 -12.26 17.02 -15.99
N GLU A 122 -11.59 17.91 -15.26
CA GLU A 122 -10.25 18.34 -15.65
C GLU A 122 -9.23 17.21 -15.54
N TYR A 123 -9.41 16.32 -14.55
CA TYR A 123 -8.48 15.23 -14.35
C TYR A 123 -9.20 13.88 -14.39
N ALA A 124 -8.45 12.85 -14.79
CA ALA A 124 -8.90 11.46 -14.70
C ALA A 124 -8.39 10.84 -13.42
N PHE A 125 -9.25 10.05 -12.77
CA PHE A 125 -8.89 9.36 -11.51
C PHE A 125 -9.20 7.90 -11.74
N MET A 126 -8.19 7.12 -12.16
CA MET A 126 -8.42 5.76 -12.63
C MET A 126 -7.59 4.72 -11.88
N GLY A 127 -7.25 4.97 -10.62
CA GLY A 127 -6.39 4.05 -9.88
C GLY A 127 -6.84 2.60 -9.88
N ALA A 128 -8.12 2.36 -9.60
CA ALA A 128 -8.63 0.99 -9.55
C ALA A 128 -8.57 0.32 -10.91
N LEU A 129 -8.84 1.09 -11.97
CA LEU A 129 -8.79 0.54 -13.32
C LEU A 129 -7.36 0.33 -13.82
N ILE A 130 -6.40 1.16 -13.36
CA ILE A 130 -5.00 0.93 -13.70
C ILE A 130 -4.53 -0.43 -13.22
N ILE A 131 -4.88 -0.79 -11.97
CA ILE A 131 -4.42 -2.07 -11.44
C ILE A 131 -4.98 -3.22 -12.27
N GLN A 132 -6.28 -3.16 -12.58
CA GLN A 132 -6.90 -4.23 -13.36
C GLN A 132 -6.30 -4.34 -14.76
N GLU A 133 -5.92 -3.20 -15.37
CA GLU A 133 -5.36 -3.26 -16.72
C GLU A 133 -3.93 -3.77 -16.70
N VAL A 134 -3.15 -3.42 -15.67
CA VAL A 134 -1.82 -4.00 -15.52
C VAL A 134 -1.92 -5.53 -15.42
N VAL A 135 -2.85 -6.02 -14.59
CA VAL A 135 -3.01 -7.47 -14.42
C VAL A 135 -3.39 -8.12 -15.74
N ARG A 136 -4.29 -7.48 -16.50
CA ARG A 136 -4.73 -8.06 -17.77
C ARG A 136 -3.57 -8.19 -18.76
N GLU A 137 -2.76 -7.12 -18.90
CA GLU A 137 -1.67 -7.17 -19.87
C GLU A 137 -0.53 -8.07 -19.41
N LEU A 138 -0.32 -8.21 -18.09
CA LEU A 138 0.73 -9.11 -17.63
C LEU A 138 0.39 -10.58 -17.88
N LEU A 139 -0.90 -10.93 -17.94
CA LEU A 139 -1.25 -12.33 -18.19
C LEU A 139 -0.66 -12.82 -19.50
N GLY A 140 -0.55 -11.92 -20.49
CA GLY A 140 0.09 -12.26 -21.76
C GLY A 140 1.61 -12.35 -21.71
N ARG A 141 2.23 -11.92 -20.61
CA ARG A 141 3.68 -11.91 -20.49
C ARG A 141 4.19 -12.92 -19.47
N GLY A 142 3.35 -13.86 -19.06
CA GLY A 142 3.77 -14.92 -18.15
C GLY A 142 2.97 -15.02 -16.87
N LEU A 143 2.19 -13.99 -16.49
CA LEU A 143 1.41 -14.10 -15.25
C LEU A 143 0.41 -15.25 -15.30
N SER A 144 -0.01 -15.68 -16.50
CA SER A 144 -0.92 -16.81 -16.62
C SER A 144 -0.36 -18.09 -15.99
N GLY A 145 0.97 -18.19 -15.88
CA GLY A 145 1.58 -19.37 -15.28
C GLY A 145 1.85 -19.30 -13.80
N ALA A 146 1.44 -18.22 -13.13
CA ALA A 146 1.83 -17.99 -11.73
C ALA A 146 1.14 -18.95 -10.77
N LYS A 147 1.80 -19.19 -9.64
CA LYS A 147 1.20 -19.83 -8.48
C LYS A 147 0.76 -18.83 -7.42
N VAL A 148 1.47 -17.70 -7.28
CA VAL A 148 1.14 -16.69 -6.28
C VAL A 148 1.31 -15.30 -6.88
N LEU A 149 0.31 -14.43 -6.69
CA LEU A 149 0.39 -13.01 -7.04
C LEU A 149 0.30 -12.24 -5.71
N LEU A 150 1.42 -11.61 -5.31
CA LEU A 150 1.44 -10.79 -4.09
C LEU A 150 1.29 -9.33 -4.49
N LEU A 151 0.16 -8.73 -4.11
CA LEU A 151 -0.11 -7.31 -4.37
C LEU A 151 0.37 -6.55 -3.15
N ALA A 152 1.46 -5.80 -3.31
CA ALA A 152 2.09 -5.08 -2.21
C ALA A 152 2.01 -3.58 -2.46
N GLY A 153 2.34 -2.80 -1.43
CA GLY A 153 2.36 -1.34 -1.60
C GLY A 153 2.74 -0.63 -0.31
N SER A 154 3.19 0.62 -0.47
CA SER A 154 3.63 1.45 0.66
C SER A 154 2.85 2.77 0.71
N SER A 155 2.52 3.19 1.95
CA SER A 155 1.82 4.45 2.24
CA SER A 155 1.82 4.46 2.22
C SER A 155 0.46 4.44 1.54
N ALA A 156 0.14 5.42 0.67
CA ALA A 156 -1.13 5.35 -0.08
C ALA A 156 -1.24 4.07 -0.89
N GLY A 157 -0.11 3.50 -1.32
CA GLY A 157 -0.15 2.22 -2.00
C GLY A 157 -0.47 1.07 -1.06
N GLY A 158 -0.09 1.18 0.21
CA GLY A 158 -0.52 0.19 1.20
C GLY A 158 -2.01 0.20 1.44
N THR A 159 -2.62 1.40 1.56
CA THR A 159 -4.07 1.47 1.60
C THR A 159 -4.67 0.93 0.31
N GLY A 160 -4.03 1.21 -0.83
CA GLY A 160 -4.47 0.68 -2.11
C GLY A 160 -4.55 -0.84 -2.15
N VAL A 161 -3.61 -1.54 -1.48
CA VAL A 161 -3.67 -3.00 -1.38
C VAL A 161 -4.96 -3.43 -0.71
N LEU A 162 -5.30 -2.79 0.42
CA LEU A 162 -6.50 -3.15 1.16
C LEU A 162 -7.75 -2.91 0.33
N LEU A 163 -7.76 -1.86 -0.49
CA LEU A 163 -8.93 -1.53 -1.30
C LEU A 163 -9.07 -2.42 -2.55
N ASN A 164 -7.99 -3.05 -3.03
CA ASN A 164 -8.02 -3.71 -4.33
C ASN A 164 -7.70 -5.21 -4.32
N VAL A 165 -7.18 -5.78 -3.24
CA VAL A 165 -6.69 -7.17 -3.30
C VAL A 165 -7.82 -8.15 -3.65
N ASP A 166 -9.02 -7.94 -3.07
CA ASP A 166 -10.13 -8.85 -3.36
C ASP A 166 -10.69 -8.65 -4.77
N ARG A 167 -10.55 -7.45 -5.32
CA ARG A 167 -10.99 -7.23 -6.69
C ARG A 167 -10.06 -7.90 -7.70
N VAL A 168 -8.75 -7.92 -7.40
CA VAL A 168 -7.80 -8.65 -8.24
C VAL A 168 -8.12 -10.14 -8.19
N ALA A 169 -8.44 -10.64 -6.99
CA ALA A 169 -8.77 -12.06 -6.85
C ALA A 169 -10.00 -12.41 -7.67
N GLU A 170 -11.03 -11.56 -7.62
CA GLU A 170 -12.24 -11.79 -8.41
C GLU A 170 -11.97 -11.68 -9.91
N GLN A 171 -11.13 -10.72 -10.31
CA GLN A 171 -10.79 -10.55 -11.71
C GLN A 171 -10.18 -11.82 -12.29
N LEU A 172 -9.23 -12.43 -11.57
CA LEU A 172 -8.57 -13.62 -12.09
C LEU A 172 -9.50 -14.81 -12.08
N GLU A 173 -10.40 -14.90 -11.08
CA GLU A 173 -11.38 -15.97 -11.06
C GLU A 173 -12.29 -15.91 -12.28
N LYS A 174 -12.80 -14.73 -12.60
CA LYS A 174 -13.73 -14.58 -13.72
C LYS A 174 -13.04 -14.69 -15.07
N LEU A 175 -11.73 -14.42 -15.14
CA LEU A 175 -10.99 -14.61 -16.38
C LEU A 175 -10.59 -16.07 -16.62
N GLY A 176 -10.84 -16.94 -15.66
CA GLY A 176 -10.53 -18.35 -15.81
C GLY A 176 -9.22 -18.81 -15.22
N TYR A 177 -8.70 -18.14 -14.19
CA TYR A 177 -7.45 -18.51 -13.53
C TYR A 177 -7.69 -18.76 -12.04
N PRO A 178 -8.44 -19.82 -11.70
CA PRO A 178 -8.72 -20.06 -10.28
C PRO A 178 -7.54 -20.60 -9.49
N ALA A 179 -6.43 -20.94 -10.14
CA ALA A 179 -5.29 -21.54 -9.45
C ALA A 179 -4.28 -20.52 -8.95
N ILE A 180 -4.35 -19.28 -9.41
CA ILE A 180 -3.42 -18.25 -8.94
C ILE A 180 -3.90 -17.78 -7.57
N GLN A 181 -3.05 -17.95 -6.54
CA GLN A 181 -3.36 -17.48 -5.20
C GLN A 181 -3.02 -16.00 -5.06
N VAL A 182 -4.03 -15.15 -4.86
CA VAL A 182 -3.83 -13.71 -4.71
C VAL A 182 -3.71 -13.38 -3.22
N ARG A 183 -2.68 -12.62 -2.84
CA ARG A 183 -2.44 -12.24 -1.45
C ARG A 183 -2.04 -10.76 -1.42
N GLY A 184 -2.09 -10.15 -0.23
CA GLY A 184 -1.78 -8.73 -0.08
C GLY A 184 -0.70 -8.46 0.95
N LEU A 185 0.08 -7.40 0.71
CA LEU A 185 1.10 -6.91 1.64
C LEU A 185 0.94 -5.40 1.76
N ALA A 186 0.37 -4.90 2.88
CA ALA A 186 0.08 -3.48 3.07
C ALA A 186 1.10 -2.88 4.04
N ASP A 187 1.97 -1.98 3.54
CA ASP A 187 3.06 -1.37 4.28
C ASP A 187 2.72 0.11 4.53
N SER A 188 2.62 0.50 5.79
CA SER A 188 2.44 1.92 6.19
C SER A 188 1.16 2.51 5.62
N GLY A 189 0.13 1.68 5.51
CA GLY A 189 -1.17 2.12 5.01
C GLY A 189 -2.33 1.89 5.98
N TRP A 190 -2.02 1.66 7.27
CA TRP A 190 -2.97 1.27 8.33
C TRP A 190 -3.08 2.44 9.30
N PHE A 191 -4.08 3.28 9.09
CA PHE A 191 -4.22 4.57 9.78
C PHE A 191 -5.42 4.57 10.72
N LEU A 192 -5.36 5.48 11.69
CA LEU A 192 -6.45 5.69 12.64
C LEU A 192 -7.14 7.03 12.38
N ASP A 193 -8.47 7.02 12.43
CA ASP A 193 -9.26 8.25 12.35
C ASP A 193 -9.49 8.79 13.76
N ASN A 194 -8.37 9.08 14.42
CA ASN A 194 -8.34 9.46 15.83
C ASN A 194 -8.46 10.98 16.01
N LYS A 195 -8.64 11.41 17.26
CA LYS A 195 -8.65 12.83 17.59
C LYS A 195 -7.25 13.40 17.49
N GLN A 196 -7.12 14.57 16.88
CA GLN A 196 -5.82 15.19 16.70
C GLN A 196 -5.28 15.76 18.01
N TYR A 197 -3.96 15.92 18.08
CA TYR A 197 -3.32 16.52 19.25
C TYR A 197 -3.66 18.01 19.35
N ARG A 198 -3.59 18.73 18.23
CA ARG A 198 -4.09 20.10 18.10
C ARG A 198 -4.98 20.19 16.87
N HIS A 199 -6.04 20.99 16.99
CA HIS A 199 -7.13 21.00 16.03
C HIS A 199 -6.85 21.89 14.82
N ALA A 209 -10.05 18.38 9.17
CA ALA A 209 -10.15 17.02 9.70
C ALA A 209 -10.02 15.99 8.59
N PRO A 210 -9.00 15.14 8.67
CA PRO A 210 -8.60 14.35 7.50
C PRO A 210 -9.67 13.42 6.96
N THR A 211 -10.61 12.95 7.79
CA THR A 211 -11.72 12.18 7.24
C THR A 211 -12.55 13.02 6.28
N GLU A 212 -12.59 14.34 6.48
CA GLU A 212 -13.32 15.20 5.57
C GLU A 212 -12.67 15.23 4.18
N ALA A 213 -11.33 15.25 4.14
CA ALA A 213 -10.65 15.27 2.86
C ALA A 213 -10.86 13.97 2.09
N ILE A 214 -10.87 12.84 2.81
CA ILE A 214 -11.18 11.58 2.16
C ILE A 214 -12.63 11.54 1.68
N ARG A 215 -13.57 12.02 2.50
CA ARG A 215 -14.97 11.98 2.05
C ARG A 215 -15.17 12.82 0.79
N ARG A 216 -14.56 14.01 0.75
CA ARG A 216 -14.62 14.84 -0.46
C ARG A 216 -13.91 14.17 -1.63
N GLY A 217 -12.74 13.59 -1.37
CA GLY A 217 -11.98 12.95 -2.43
C GLY A 217 -12.76 11.85 -3.12
N ILE A 218 -13.43 10.99 -2.34
CA ILE A 218 -14.17 9.88 -2.93
C ILE A 218 -15.22 10.38 -3.90
N ARG A 219 -15.89 11.49 -3.58
CA ARG A 219 -16.87 12.05 -4.50
C ARG A 219 -16.19 12.61 -5.74
N TYR A 220 -15.07 13.32 -5.56
CA TYR A 220 -14.34 13.91 -6.68
C TYR A 220 -13.79 12.84 -7.62
N TRP A 221 -13.40 11.68 -7.08
CA TRP A 221 -12.74 10.64 -7.86
C TRP A 221 -13.68 9.61 -8.45
N ASN A 222 -14.95 9.59 -8.05
CA ASN A 222 -15.82 8.42 -8.24
C ASN A 222 -15.15 7.18 -7.66
N GLY A 223 -14.69 7.30 -6.42
CA GLY A 223 -13.90 6.23 -5.82
C GLY A 223 -14.72 4.99 -5.51
N VAL A 224 -14.06 3.83 -5.57
CA VAL A 224 -14.67 2.52 -5.33
C VAL A 224 -14.00 1.86 -4.13
N VAL A 225 -14.80 1.22 -3.28
CA VAL A 225 -14.27 0.49 -2.12
C VAL A 225 -14.73 -0.96 -2.22
N PRO A 226 -14.14 -1.89 -1.46
CA PRO A 226 -14.55 -3.30 -1.57
C PRO A 226 -16.03 -3.48 -1.24
N GLU A 227 -16.65 -4.49 -1.87
CA GLU A 227 -18.11 -4.62 -1.86
C GLU A 227 -18.65 -4.93 -0.46
N ARG A 228 -18.05 -5.87 0.26
CA ARG A 228 -18.58 -6.23 1.58
C ARG A 228 -18.49 -5.05 2.54
N CYS A 229 -17.38 -4.30 2.49
CA CYS A 229 -17.24 -3.08 3.29
C CYS A 229 -18.25 -2.00 2.89
N ARG A 230 -18.44 -1.80 1.59
CA ARG A 230 -19.46 -0.87 1.09
C ARG A 230 -20.84 -1.22 1.63
N ARG A 231 -21.18 -2.51 1.66
CA ARG A 231 -22.51 -2.92 2.08
C ARG A 231 -22.70 -2.71 3.58
N GLN A 232 -21.61 -2.79 4.36
CA GLN A 232 -21.70 -2.54 5.80
C GLN A 232 -21.96 -1.06 6.11
N PHE A 233 -21.22 -0.15 5.49
CA PHE A 233 -21.28 1.25 5.90
C PHE A 233 -22.29 2.05 5.08
N GLN A 234 -22.57 1.60 3.85
CA GLN A 234 -23.62 2.10 2.98
C GLN A 234 -23.37 3.51 2.46
N GLU A 235 -24.37 4.06 1.77
CA GLU A 235 -24.18 5.27 0.98
C GLU A 235 -23.77 6.45 1.83
N GLY A 236 -22.79 7.21 1.33
CA GLY A 236 -22.26 8.36 2.03
C GLY A 236 -21.22 8.06 3.07
N GLU A 237 -21.05 6.79 3.46
CA GLU A 237 -20.10 6.45 4.50
C GLU A 237 -18.95 5.58 3.98
N GLU A 238 -18.73 5.55 2.66
CA GLU A 238 -17.67 4.71 2.10
C GLU A 238 -16.27 5.11 2.59
N TRP A 239 -16.08 6.38 3.00
CA TRP A 239 -14.79 6.82 3.53
C TRP A 239 -14.27 5.90 4.64
N ASN A 240 -15.18 5.23 5.36
CA ASN A 240 -14.77 4.35 6.45
C ASN A 240 -13.86 3.24 5.96
N CYS A 241 -14.06 2.79 4.72
CA CYS A 241 -13.29 1.66 4.18
C CYS A 241 -11.86 2.03 3.81
N PHE A 242 -11.47 3.30 3.90
CA PHE A 242 -10.07 3.68 3.74
C PHE A 242 -9.25 3.46 5.01
N PHE A 243 -9.87 3.00 6.10
CA PHE A 243 -9.17 2.83 7.36
C PHE A 243 -9.02 1.35 7.64
N GLY A 244 -7.76 0.89 7.70
CA GLY A 244 -7.43 -0.52 7.83
C GLY A 244 -8.26 -1.32 8.82
N TYR A 245 -8.40 -0.84 10.05
CA TYR A 245 -9.08 -1.64 11.07
C TYR A 245 -10.55 -1.85 10.77
N LYS A 246 -11.13 -1.06 9.86
CA LYS A 246 -12.52 -1.20 9.45
C LYS A 246 -12.69 -2.03 8.18
N VAL A 247 -11.78 -1.91 7.21
CA VAL A 247 -11.92 -2.67 5.96
C VAL A 247 -11.30 -4.07 6.03
N TYR A 248 -10.22 -4.24 6.81
CA TYR A 248 -9.55 -5.54 6.89
C TYR A 248 -10.47 -6.69 7.31
N PRO A 249 -11.36 -6.56 8.30
CA PRO A 249 -12.24 -7.70 8.65
C PRO A 249 -13.17 -8.14 7.52
N THR A 250 -13.35 -7.32 6.47
CA THR A 250 -14.25 -7.66 5.39
C THR A 250 -13.58 -8.40 4.24
N LEU A 251 -12.24 -8.49 4.25
CA LEU A 251 -11.48 -9.04 3.14
C LEU A 251 -11.35 -10.55 3.24
N ARG A 252 -11.35 -11.24 2.10
CA ARG A 252 -11.16 -12.69 2.09
C ARG A 252 -9.75 -13.13 1.68
N SER A 253 -9.04 -12.33 0.90
CA SER A 253 -7.67 -12.70 0.55
C SER A 253 -6.77 -12.56 1.78
N PRO A 254 -5.76 -13.42 1.91
CA PRO A 254 -4.76 -13.25 2.99
C PRO A 254 -4.00 -11.93 2.83
N VAL A 255 -3.89 -11.18 3.93
CA VAL A 255 -3.20 -9.87 3.92
C VAL A 255 -2.26 -9.78 5.11
N PHE A 256 -0.99 -9.51 4.83
CA PHE A 256 0.04 -9.25 5.84
C PHE A 256 0.18 -7.74 6.02
N VAL A 257 0.13 -7.26 7.28
CA VAL A 257 0.09 -5.83 7.60
C VAL A 257 1.41 -5.43 8.27
N VAL A 258 2.12 -4.50 7.63
CA VAL A 258 3.33 -3.86 8.20
C VAL A 258 2.96 -2.43 8.59
N GLN A 259 3.16 -2.07 9.87
CA GLN A 259 2.83 -0.72 10.32
C GLN A 259 3.71 -0.32 11.49
N TRP A 260 4.51 0.74 11.33
CA TRP A 260 5.15 1.35 12.49
C TRP A 260 4.10 1.83 13.49
N LEU A 261 4.37 1.61 14.79
CA LEU A 261 3.39 2.03 15.79
C LEU A 261 3.30 3.55 15.88
N PHE A 262 4.36 4.27 15.53
CA PHE A 262 4.38 5.73 15.57
C PHE A 262 4.69 6.24 14.16
N ASP A 263 3.73 6.04 13.25
CA ASP A 263 3.96 6.34 11.85
C ASP A 263 4.02 7.85 11.64
N GLU A 264 5.04 8.30 10.88
CA GLU A 264 5.25 9.75 10.67
C GLU A 264 4.09 10.43 9.96
N ALA A 265 3.40 9.71 9.06
CA ALA A 265 2.27 10.34 8.37
C ALA A 265 1.05 10.43 9.27
N GLN A 266 0.88 9.44 10.15
CA GLN A 266 -0.15 9.52 11.18
C GLN A 266 0.07 10.71 12.11
N LEU A 267 1.32 10.91 12.56
CA LEU A 267 1.59 12.02 13.46
C LEU A 267 1.44 13.36 12.73
N THR A 268 1.82 13.43 11.45
CA THR A 268 1.62 14.67 10.69
C THR A 268 0.16 15.08 10.66
N VAL A 269 -0.75 14.15 10.33
CA VAL A 269 -2.17 14.50 10.30
C VAL A 269 -2.68 14.79 11.71
N ASP A 270 -2.06 14.20 12.74
CA ASP A 270 -2.45 14.49 14.12
C ASP A 270 -1.86 15.79 14.65
N ASN A 271 -1.06 16.49 13.84
CA ASN A 271 -0.43 17.76 14.23
C ASN A 271 0.53 17.58 15.41
N VAL A 272 1.32 16.51 15.36
CA VAL A 272 2.37 16.24 16.34
C VAL A 272 3.71 16.45 15.65
N HIS A 273 4.58 17.28 16.23
CA HIS A 273 5.91 17.54 15.70
C HIS A 273 6.94 17.39 16.81
N LEU A 274 7.78 16.36 16.71
CA LEU A 274 8.82 16.12 17.70
C LEU A 274 10.07 16.96 17.40
N GLN A 277 12.86 18.68 21.25
CA GLN A 277 13.10 17.53 22.13
C GLN A 277 12.92 17.80 23.64
N PRO A 278 11.71 18.23 24.09
CA PRO A 278 11.43 18.18 25.53
C PRO A 278 9.95 17.95 25.85
N VAL A 279 9.50 16.70 25.90
CA VAL A 279 8.08 16.37 25.75
C VAL A 279 7.37 16.45 27.09
N GLN A 280 6.29 17.22 27.15
CA GLN A 280 5.55 17.37 28.40
C GLN A 280 4.43 16.34 28.51
N GLU A 281 3.76 16.34 29.66
CA GLU A 281 2.86 15.24 30.03
C GLU A 281 1.72 15.06 29.03
N GLY A 282 1.14 16.17 28.54
CA GLY A 282 0.01 16.04 27.62
C GLY A 282 0.39 15.30 26.35
N LEU A 283 1.53 15.68 25.76
CA LEU A 283 2.00 15.02 24.55
C LEU A 283 2.51 13.61 24.83
N ARG A 284 3.14 13.39 25.99
CA ARG A 284 3.57 12.03 26.35
C ARG A 284 2.39 11.08 26.38
N LEU A 285 1.30 11.48 27.05
CA LEU A 285 0.12 10.63 27.11
C LEU A 285 -0.49 10.43 25.72
N TYR A 286 -0.53 11.49 24.90
CA TYR A 286 -1.08 11.36 23.54
C TYR A 286 -0.31 10.32 22.73
N ILE A 287 1.01 10.39 22.76
CA ILE A 287 1.84 9.49 21.97
C ILE A 287 1.74 8.06 22.50
N GLN A 288 1.71 7.88 23.81
CA GLN A 288 1.56 6.54 24.37
C GLN A 288 0.20 5.94 24.02
N ASN A 289 -0.85 6.78 24.03
CA ASN A 289 -2.20 6.29 23.70
C ASN A 289 -2.32 5.94 22.22
N LEU A 290 -1.61 6.67 21.34
CA LEU A 290 -1.59 6.32 19.91
C LEU A 290 -0.99 4.94 19.69
N GLY A 291 0.15 4.66 20.31
CA GLY A 291 0.74 3.32 20.19
C GLY A 291 -0.15 2.23 20.75
N ARG A 292 -0.77 2.48 21.91
CA ARG A 292 -1.67 1.49 22.49
C ARG A 292 -2.86 1.20 21.57
N GLU A 293 -3.46 2.25 20.98
CA GLU A 293 -4.61 2.05 20.11
C GLU A 293 -4.23 1.30 18.85
N LEU A 294 -3.10 1.64 18.24
N LEU A 294 -3.10 1.64 18.24
CA LEU A 294 -2.63 0.91 17.07
CA LEU A 294 -2.65 0.90 17.07
C LEU A 294 -2.38 -0.55 17.41
C LEU A 294 -2.42 -0.56 17.43
N ARG A 295 -1.71 -0.81 18.53
CA ARG A 295 -1.48 -2.18 18.98
C ARG A 295 -2.79 -2.94 19.17
N HIS A 296 -3.82 -2.27 19.70
CA HIS A 296 -5.11 -2.93 19.91
C HIS A 296 -5.77 -3.31 18.58
N THR A 297 -5.68 -2.44 17.57
CA THR A 297 -6.33 -2.76 16.30
C THR A 297 -5.66 -3.93 15.58
N LEU A 298 -4.42 -4.28 15.96
CA LEU A 298 -3.71 -5.39 15.32
C LEU A 298 -3.81 -6.69 16.10
N LYS A 299 -4.53 -6.71 17.23
CA LYS A 299 -4.44 -7.87 18.11
C LYS A 299 -5.05 -9.12 17.47
N ASP A 300 -6.01 -8.96 16.57
CA ASP A 300 -6.62 -10.09 15.88
C ASP A 300 -6.22 -10.17 14.41
N VAL A 301 -5.07 -9.61 14.06
CA VAL A 301 -4.52 -9.70 12.70
C VAL A 301 -3.38 -10.72 12.75
N PRO A 302 -3.56 -11.94 12.22
CA PRO A 302 -2.57 -13.00 12.47
C PRO A 302 -1.25 -12.83 11.72
N ALA A 303 -1.21 -12.08 10.62
CA ALA A 303 0.03 -11.85 9.89
C ALA A 303 0.31 -10.35 9.95
N SER A 304 1.21 -9.93 10.84
CA SER A 304 1.48 -8.50 11.01
C SER A 304 2.89 -8.30 11.56
N PHE A 305 3.44 -7.10 11.30
CA PHE A 305 4.79 -6.72 11.73
C PHE A 305 4.73 -5.24 12.12
N ALA A 306 4.86 -4.94 13.40
CA ALA A 306 4.53 -3.60 13.91
C ALA A 306 5.54 -3.15 14.96
N PRO A 307 6.66 -2.56 14.53
CA PRO A 307 7.69 -2.16 15.50
C PRO A 307 7.44 -0.79 16.13
N ALA A 308 7.95 -0.63 17.34
CA ALA A 308 7.76 0.61 18.10
C ALA A 308 8.81 1.65 17.69
N CYS A 309 8.62 2.19 16.48
CA CYS A 309 9.53 3.16 15.88
C CYS A 309 8.74 4.34 15.30
N LEU A 310 9.41 5.50 15.25
CA LEU A 310 8.94 6.66 14.50
C LEU A 310 9.60 6.57 13.12
N SER A 311 8.80 6.29 12.08
CA SER A 311 9.32 6.11 10.73
C SER A 311 8.14 6.07 9.76
N HIS A 312 8.43 5.84 8.47
CA HIS A 312 7.40 5.77 7.45
C HIS A 312 7.92 4.98 6.26
N GLU A 313 7.14 3.99 5.83
CA GLU A 313 7.48 3.03 4.77
C GLU A 313 8.64 2.13 5.13
N ILE A 314 8.74 0.95 4.51
CA ILE A 314 9.91 0.13 4.72
C ILE A 314 10.22 -0.83 3.58
N ILE A 315 9.21 -1.38 2.88
CA ILE A 315 9.48 -2.62 2.16
C ILE A 315 10.32 -2.42 0.90
N ILE A 316 10.39 -1.21 0.32
CA ILE A 316 11.32 -1.05 -0.81
C ILE A 316 12.58 -0.28 -0.40
N ARG A 317 12.83 -0.10 0.89
CA ARG A 317 14.09 0.46 1.37
C ARG A 317 15.18 -0.59 1.35
N SER A 318 16.38 -0.19 0.95
CA SER A 318 17.46 -1.16 0.79
C SER A 318 17.83 -1.83 2.11
N HIS A 319 17.68 -1.13 3.23
CA HIS A 319 18.02 -1.69 4.53
C HIS A 319 16.80 -2.20 5.29
N TRP A 320 15.77 -2.64 4.55
CA TRP A 320 14.59 -3.20 5.18
C TRP A 320 14.90 -4.49 5.95
N THR A 321 16.07 -5.09 5.75
CA THR A 321 16.42 -6.32 6.45
C THR A 321 16.86 -6.09 7.89
N ASP A 322 17.07 -4.85 8.30
CA ASP A 322 17.71 -4.55 9.58
C ASP A 322 16.75 -4.60 10.77
N VAL A 323 15.50 -4.22 10.59
N VAL A 323 15.49 -4.24 10.59
CA VAL A 323 14.59 -4.09 11.73
CA VAL A 323 14.56 -4.08 11.70
C VAL A 323 14.12 -5.47 12.16
C VAL A 323 14.04 -5.45 12.15
N GLN A 324 13.93 -5.63 13.47
CA GLN A 324 13.45 -6.88 14.05
C GLN A 324 12.45 -6.60 15.16
N VAL A 325 11.50 -7.53 15.32
CA VAL A 325 10.58 -7.56 16.46
C VAL A 325 10.73 -8.90 17.14
N LYS A 326 10.97 -8.89 18.45
CA LYS A 326 11.17 -10.10 19.23
C LYS A 326 12.25 -11.00 18.59
N GLY A 327 13.26 -10.37 17.96
CA GLY A 327 14.35 -11.09 17.33
C GLY A 327 14.09 -11.60 15.92
N THR A 328 12.96 -11.28 15.31
CA THR A 328 12.62 -11.80 13.98
C THR A 328 12.57 -10.64 12.99
N SER A 329 13.25 -10.80 11.85
CA SER A 329 13.29 -9.73 10.86
C SER A 329 12.03 -9.75 9.99
N LEU A 330 11.82 -8.67 9.22
CA LEU A 330 10.64 -8.63 8.36
C LEU A 330 10.74 -9.65 7.21
N PRO A 331 11.90 -9.79 6.54
CA PRO A 331 12.00 -10.85 5.53
C PRO A 331 11.74 -12.23 6.09
N ARG A 332 12.19 -12.51 7.31
CA ARG A 332 11.88 -13.80 7.92
C ARG A 332 10.38 -13.94 8.17
N ALA A 333 9.74 -12.91 8.74
CA ALA A 333 8.31 -12.99 9.02
C ALA A 333 7.50 -13.28 7.75
N LEU A 334 7.88 -12.65 6.63
CA LEU A 334 7.17 -12.90 5.37
C LEU A 334 7.41 -14.32 4.86
N HIS A 335 8.62 -14.86 5.05
CA HIS A 335 8.88 -16.26 4.69
C HIS A 335 8.04 -17.22 5.54
N CYS A 336 7.90 -16.93 6.84
CA CYS A 336 7.06 -17.75 7.71
C CYS A 336 5.58 -17.68 7.30
N TRP A 337 5.13 -16.50 6.87
CA TRP A 337 3.79 -16.37 6.30
C TRP A 337 3.63 -17.28 5.08
N ASP A 338 4.63 -17.31 4.19
CA ASP A 338 4.55 -18.23 3.05
C ASP A 338 4.36 -19.67 3.52
N ARG A 339 5.15 -20.10 4.52
CA ARG A 339 5.04 -21.47 5.03
C ARG A 339 3.68 -21.73 5.65
N SER A 340 3.15 -20.74 6.39
CA SER A 340 1.84 -20.90 6.99
C SER A 340 0.73 -21.08 5.95
N LEU A 341 0.94 -20.58 4.73
CA LEU A 341 -0.09 -20.67 3.71
C LEU A 341 0.04 -21.89 2.82
N HIS A 342 0.97 -22.79 3.12
CA HIS A 342 0.96 -24.12 2.49
C HIS A 342 -0.33 -24.85 2.84
N PRO A 351 0.45 -23.32 13.75
CA PRO A 351 1.60 -22.39 13.87
C PRO A 351 2.93 -23.09 13.81
N LEU A 352 4.00 -22.34 13.56
CA LEU A 352 5.29 -22.93 13.20
C LEU A 352 6.32 -22.69 14.30
N LYS A 353 7.09 -23.73 14.60
CA LYS A 353 8.14 -23.67 15.60
C LYS A 353 9.22 -22.67 15.18
N GLY A 354 9.41 -21.60 15.95
CA GLY A 354 10.46 -20.64 15.67
C GLY A 354 10.29 -19.84 14.39
N CYS A 355 9.12 -19.88 13.75
CA CYS A 355 8.85 -19.14 12.51
C CYS A 355 7.56 -18.35 12.72
N PRO A 356 7.62 -17.24 13.44
CA PRO A 356 6.39 -16.49 13.77
C PRO A 356 5.91 -15.60 12.64
N VAL A 357 4.60 -15.34 12.67
CA VAL A 357 3.91 -14.54 11.67
C VAL A 357 3.22 -13.31 12.26
N HIS A 358 2.94 -13.28 13.56
CA HIS A 358 2.32 -12.13 14.24
C HIS A 358 3.37 -11.52 15.16
N LEU A 359 3.84 -10.31 14.82
CA LEU A 359 4.94 -9.67 15.56
C LEU A 359 4.61 -8.20 15.82
N VAL A 360 4.22 -7.89 17.06
CA VAL A 360 3.80 -6.54 17.45
C VAL A 360 4.55 -6.15 18.72
N ASP A 361 5.26 -5.02 18.68
CA ASP A 361 5.99 -4.57 19.86
C ASP A 361 5.03 -4.19 20.99
N SER A 362 5.46 -4.45 22.24
CA SER A 362 4.67 -4.06 23.39
C SER A 362 5.23 -2.87 24.15
N CYS A 363 6.46 -2.47 23.89
CA CYS A 363 7.00 -1.35 24.62
C CYS A 363 6.41 -0.04 24.07
N PRO A 364 6.24 0.97 24.92
CA PRO A 364 5.27 2.05 24.63
C PRO A 364 5.82 3.39 24.11
N TRP A 365 7.09 3.49 23.69
CA TRP A 365 7.65 4.77 23.26
C TRP A 365 8.51 4.61 22.01
N PRO A 366 8.50 5.57 21.08
CA PRO A 366 9.36 5.47 19.90
C PRO A 366 10.82 5.16 20.25
N HIS A 367 11.37 4.15 19.56
CA HIS A 367 12.75 3.66 19.67
C HIS A 367 13.00 2.87 20.95
N CYS A 368 11.95 2.42 21.65
CA CYS A 368 12.16 1.40 22.68
C CYS A 368 12.59 0.08 22.09
N ASN A 369 12.43 -0.10 20.79
CA ASN A 369 13.00 -1.22 20.05
C ASN A 369 14.38 -0.81 19.54
N PRO A 370 15.46 -1.52 19.90
CA PRO A 370 16.79 -1.04 19.52
C PRO A 370 17.07 -1.08 18.02
N SER A 371 16.36 -1.91 17.24
CA SER A 371 16.63 -2.06 15.82
C SER A 371 15.93 -1.02 14.95
N CYS A 372 15.27 -0.03 15.55
CA CYS A 372 14.58 1.00 14.77
C CYS A 372 15.58 1.72 13.86
N PRO A 373 15.13 2.17 12.68
CA PRO A 373 16.01 2.97 11.82
C PRO A 373 16.47 4.23 12.54
N THR A 374 17.73 4.61 12.31
CA THR A 374 18.26 5.82 12.89
C THR A 374 17.86 7.02 12.04
S SO4 B . 8.13 16.61 -11.03
O1 SO4 B . 7.58 15.33 -10.55
O2 SO4 B . 8.26 16.50 -12.49
O3 SO4 B . 7.23 17.69 -10.67
O4 SO4 B . 9.43 16.84 -10.41
C1 NAG C . -9.73 -0.14 -22.11
C2 NAG C . -10.67 -1.25 -22.54
C3 NAG C . -12.12 -0.79 -22.41
C4 NAG C . -12.40 -0.30 -21.00
C5 NAG C . -11.38 0.77 -20.60
C6 NAG C . -11.50 1.19 -19.16
C7 NAG C . -10.14 -2.95 -24.23
C8 NAG C . -9.88 -3.22 -25.69
N2 NAG C . -10.39 -1.68 -23.90
O3 NAG C . -12.97 -1.88 -22.73
O4 NAG C . -13.70 0.24 -20.90
O5 NAG C . -10.05 0.26 -20.78
O6 NAG C . -11.40 0.08 -18.28
O7 NAG C . -10.12 -3.84 -23.39
S SO4 D . 2.23 -9.44 22.16
O1 SO4 D . 3.54 -8.98 22.61
O2 SO4 D . 2.26 -10.88 21.94
O3 SO4 D . 1.23 -9.12 23.16
O4 SO4 D . 1.88 -8.77 20.89
S SO4 E . -12.67 20.12 -12.06
O1 SO4 E . -11.35 19.53 -11.82
O2 SO4 E . -13.35 19.41 -13.14
O3 SO4 E . -13.47 20.06 -10.84
O4 SO4 E . -12.49 21.52 -12.42
S SO4 F . 13.14 -16.74 -3.35
O1 SO4 F . 14.06 -17.84 -3.67
O2 SO4 F . 11.99 -17.33 -2.65
O3 SO4 F . 13.80 -15.78 -2.48
O4 SO4 F . 12.67 -16.08 -4.57
C1 EDO G . 3.55 20.06 22.97
O1 EDO G . 2.34 20.79 22.87
C2 EDO G . 4.56 20.58 21.96
O2 EDO G . 4.53 21.99 21.98
C1 EDO H . -8.28 -12.33 5.23
O1 EDO H . -8.24 -13.75 5.31
C2 EDO H . -7.34 -11.64 6.21
O2 EDO H . -5.97 -11.96 5.93
C1 EDO I . 10.12 -20.21 -7.37
O1 EDO I . 10.86 -21.18 -6.63
C2 EDO I . 8.65 -20.59 -7.37
O2 EDO I . 8.19 -20.66 -8.72
N1 RYM J . -2.09 8.72 2.54
N3 RYM J . -8.15 10.79 9.83
C4 RYM J . -3.62 8.33 4.11
C5 RYM J . -3.29 8.11 2.79
C6 RYM J . -4.18 7.38 1.97
C7 RYM J . -1.69 9.29 3.67
C8 RYM J . -2.44 9.56 6.01
C10 RYM J . -4.75 10.62 6.29
C13 RYM J . -4.94 9.58 8.87
C15 RYM J . -7.23 10.59 9.19
C1 RYM J . -5.37 6.86 2.49
C11 RYM J . -5.88 10.84 7.05
C12 RYM J . -5.98 10.33 8.34
C14 RYM J . -3.82 9.34 8.10
C2 RYM J . -5.70 7.07 3.84
C3 RYM J . -4.83 7.80 4.64
C9 RYM J . -3.72 9.84 6.81
N2 RYM J . -2.59 9.07 4.64
#